data_9M8Y
#
_entry.id   9M8Y
#
_cell.length_a   1.00
_cell.length_b   1.00
_cell.length_c   1.00
_cell.angle_alpha   90.00
_cell.angle_beta   90.00
_cell.angle_gamma   90.00
#
_symmetry.space_group_name_H-M   'P 1'
#
loop_
_entity.id
_entity.type
_entity.pdbx_description
1 polymer 'Isoform 2 of Solute carrier family 22 member 6'
2 non-polymer Cefazolin
#
_entity_poly.entity_id   1
_entity_poly.type   'polypeptide(L)'
_entity_poly.pdbx_seq_one_letter_code
;MAFNDLLQQVGGVGRFQQIQVTLVVLPLLLMASHNTLQNFTAAIPTHHCRPPADANLSKNGGLEVWLPRDRQGQPESCLR
FTSPQWGLPFLNGTEANGTGATEPCTDGWIYDNSTFPSTIVTEWDLVCSHRALRQLAQSLYMVGVLLGAMVFGYLADRLG
RRKVLILNYLQTAVSGTCAAFAPNFPIYCAFRLLSGMALAGISLNCMTLNVEWMPIHTRACVGTLIGYVYSLGQFLLAGV
AYAVPHWRHLQLLVSAPFFAFFIYSWFFIESARWHSSSGRLDLTLRALQRVARINGKREEGAKLSMEVLRASLQKELTMG
KGQASAMELLRCPTLRHLFLCLSMLWFATSFAYYGLVMDLQGFGVSIYLIQVIFGAVDLPAKLVGFLVINSLGRRPAQMA
ALLLAGICILLNGVIPQDQSIVRTSLAVLGKGCLAASFNCIFLYTGELYPTMIRQTGMGMGSTMARVGSIVSPLVSMTAE
LYPSMPLFIYGAVPVAASAVTVLLPETLGQPLPDTVQDLESR
;
_entity_poly.pdbx_strand_id   A
#
# COMPACT_ATOMS: atom_id res chain seq x y z
N ASN A 4 15.27 -20.24 18.27
CA ASN A 4 16.05 -19.62 17.21
C ASN A 4 17.35 -20.37 16.99
N ASP A 5 17.96 -20.81 18.08
CA ASP A 5 19.21 -21.55 17.97
C ASP A 5 18.98 -22.79 17.12
N LEU A 6 17.79 -23.35 17.22
CA LEU A 6 17.49 -24.54 16.43
C LEU A 6 17.59 -24.19 14.96
N LEU A 7 17.07 -23.02 14.57
CA LEU A 7 17.10 -22.64 13.18
C LEU A 7 18.54 -22.67 12.75
N GLN A 8 19.43 -22.21 13.62
CA GLN A 8 20.85 -22.26 13.31
C GLN A 8 21.28 -23.71 13.23
N GLN A 9 20.74 -24.55 14.10
CA GLN A 9 21.07 -25.97 14.08
C GLN A 9 20.70 -26.60 12.75
N VAL A 10 19.53 -26.24 12.21
CA VAL A 10 19.11 -26.80 10.94
C VAL A 10 19.65 -25.97 9.79
N GLY A 11 20.56 -25.05 10.10
CA GLY A 11 21.17 -24.23 9.06
C GLY A 11 20.55 -22.86 8.96
N GLY A 12 21.18 -21.86 9.57
CA GLY A 12 20.67 -20.51 9.50
C GLY A 12 20.78 -19.94 8.10
N VAL A 13 19.86 -19.06 7.73
CA VAL A 13 19.88 -18.46 6.39
C VAL A 13 20.34 -19.49 5.36
N GLY A 14 19.76 -20.68 5.41
CA GLY A 14 20.13 -21.72 4.45
C GLY A 14 19.45 -21.51 3.11
N ARG A 15 19.65 -22.43 2.18
CA ARG A 15 19.03 -22.31 0.88
C ARG A 15 17.55 -22.10 1.01
N PHE A 16 16.93 -22.75 1.99
CA PHE A 16 15.54 -22.66 2.14
C PHE A 16 15.29 -21.23 2.36
N GLN A 17 16.21 -20.53 3.04
CA GLN A 17 16.07 -19.08 3.35
C GLN A 17 16.43 -18.19 2.18
N GLN A 18 16.90 -18.74 1.08
CA GLN A 18 17.16 -18.05 -0.18
C GLN A 18 16.01 -18.31 -1.17
N ILE A 19 15.62 -19.59 -1.32
CA ILE A 19 14.61 -20.07 -2.27
C ILE A 19 13.19 -19.57 -1.96
N GLN A 20 12.65 -19.93 -0.78
CA GLN A 20 11.30 -19.56 -0.35
C GLN A 20 11.13 -18.05 -0.13
N VAL A 21 12.18 -17.38 0.39
CA VAL A 21 12.17 -15.95 0.69
C VAL A 21 12.11 -15.08 -0.58
N THR A 22 12.73 -15.53 -1.69
CA THR A 22 12.59 -14.90 -3.01
C THR A 22 11.18 -15.07 -3.60
N LEU A 23 10.61 -16.29 -3.48
CA LEU A 23 9.29 -16.65 -4.00
C LEU A 23 8.12 -16.01 -3.25
N VAL A 24 8.26 -15.79 -1.93
CA VAL A 24 7.26 -15.14 -1.07
C VAL A 24 7.27 -13.59 -1.20
N VAL A 25 8.42 -13.01 -1.61
CA VAL A 25 8.60 -11.57 -1.81
C VAL A 25 8.31 -11.11 -3.25
N LEU A 26 8.35 -12.02 -4.24
CA LEU A 26 8.06 -11.76 -5.65
C LEU A 26 6.64 -11.19 -5.96
N PRO A 27 5.57 -11.61 -5.25
CA PRO A 27 4.23 -10.99 -5.34
C PRO A 27 4.13 -9.52 -4.87
N LEU A 28 5.05 -9.11 -4.02
CA LEU A 28 4.99 -7.75 -3.51
C LEU A 28 5.52 -6.84 -4.57
N LEU A 29 5.74 -7.36 -5.77
CA LEU A 29 6.22 -6.52 -6.85
C LEU A 29 5.01 -6.05 -7.62
N LEU A 30 3.88 -6.67 -7.35
CA LEU A 30 2.65 -6.30 -8.03
C LEU A 30 1.69 -5.63 -7.06
N MET A 31 2.06 -5.55 -5.79
CA MET A 31 1.22 -4.90 -4.80
C MET A 31 1.06 -3.43 -5.14
N ALA A 32 2.17 -2.78 -5.45
CA ALA A 32 2.11 -1.37 -5.81
C ALA A 32 1.24 -1.21 -7.02
N SER A 33 1.42 -2.10 -8.00
CA SER A 33 0.64 -2.01 -9.21
C SER A 33 -0.83 -2.01 -8.86
N HIS A 34 -1.25 -2.97 -8.06
CA HIS A 34 -2.68 -3.06 -7.75
C HIS A 34 -3.18 -1.86 -6.98
N ASN A 35 -2.43 -1.42 -5.98
CA ASN A 35 -2.89 -0.32 -5.15
C ASN A 35 -3.01 0.96 -5.94
N THR A 36 -2.01 1.28 -6.74
CA THR A 36 -2.01 2.52 -7.48
C THR A 36 -2.33 2.30 -8.99
N LEU A 37 -3.08 1.24 -9.29
CA LEU A 37 -3.40 0.91 -10.67
C LEU A 37 -4.31 1.91 -11.34
N GLN A 38 -5.32 2.37 -10.60
CA GLN A 38 -6.32 3.24 -11.20
C GLN A 38 -5.74 4.53 -11.73
N ASN A 39 -4.52 4.85 -11.36
CA ASN A 39 -3.90 6.02 -11.93
C ASN A 39 -3.88 5.80 -13.43
N PHE A 40 -3.95 4.54 -13.85
CA PHE A 40 -3.95 4.23 -15.28
C PHE A 40 -5.27 3.62 -15.71
N THR A 41 -5.62 2.46 -15.18
CA THR A 41 -6.91 1.83 -15.49
C THR A 41 -8.12 2.74 -15.24
N ALA A 42 -7.95 3.80 -14.42
CA ALA A 42 -8.96 4.80 -14.12
C ALA A 42 -8.40 6.21 -14.29
N ALA A 43 -7.55 6.40 -15.33
CA ALA A 43 -7.13 7.72 -15.81
C ALA A 43 -8.31 8.44 -16.49
N ILE A 44 -8.25 9.78 -16.49
CA ILE A 44 -9.30 10.64 -17.04
C ILE A 44 -8.78 11.25 -18.37
N PRO A 45 -9.09 10.66 -19.54
CA PRO A 45 -8.86 11.33 -20.84
C PRO A 45 -9.74 12.58 -21.00
N THR A 46 -9.22 13.52 -21.79
CA THR A 46 -9.94 14.75 -22.07
C THR A 46 -11.27 14.39 -22.63
N HIS A 47 -12.30 14.85 -21.96
CA HIS A 47 -13.63 14.51 -22.34
C HIS A 47 -14.50 15.73 -22.51
N HIS A 48 -15.33 15.71 -23.54
CA HIS A 48 -16.27 16.79 -23.75
C HIS A 48 -17.52 16.09 -24.21
N CYS A 49 -18.65 16.79 -24.22
CA CYS A 49 -19.94 16.20 -24.58
C CYS A 49 -20.09 15.88 -26.07
N ARG A 50 -20.86 14.82 -26.33
CA ARG A 50 -21.25 14.37 -27.66
C ARG A 50 -22.45 15.22 -28.13
N PRO A 51 -22.40 15.77 -29.43
CA PRO A 51 -23.58 16.47 -30.01
C PRO A 51 -24.77 15.54 -30.36
N PRO A 52 -25.87 16.13 -30.85
CA PRO A 52 -26.98 15.25 -31.25
C PRO A 52 -26.84 14.86 -32.70
N ALA A 53 -27.05 13.59 -33.02
CA ALA A 53 -26.89 13.11 -34.37
C ALA A 53 -27.80 13.88 -35.31
N ASP A 54 -28.89 14.42 -34.77
CA ASP A 54 -29.83 15.18 -35.58
C ASP A 54 -29.09 16.27 -36.33
N ALA A 55 -28.07 16.85 -35.69
CA ALA A 55 -27.29 17.90 -36.32
C ALA A 55 -26.67 17.41 -37.62
N ASN A 56 -26.72 18.24 -38.65
CA ASN A 56 -26.14 17.87 -39.94
C ASN A 56 -24.64 18.11 -39.96
N GLY A 62 -18.78 20.97 -37.11
CA GLY A 62 -18.20 20.20 -36.01
C GLY A 62 -18.75 20.70 -34.67
N LEU A 63 -17.91 20.55 -33.64
CA LEU A 63 -18.21 20.82 -32.22
C LEU A 63 -18.47 22.30 -31.88
N GLU A 64 -18.03 23.22 -32.75
CA GLU A 64 -18.08 24.68 -32.58
C GLU A 64 -19.47 25.27 -32.27
N VAL A 65 -20.51 24.70 -32.91
CA VAL A 65 -21.89 25.13 -32.83
C VAL A 65 -22.68 24.45 -31.70
N TRP A 66 -22.12 23.40 -31.10
CA TRP A 66 -22.84 22.62 -30.07
C TRP A 66 -22.20 22.48 -28.70
N LEU A 67 -21.00 23.00 -28.51
CA LEU A 67 -20.30 22.90 -27.21
C LEU A 67 -19.92 24.31 -26.71
N PRO A 68 -20.36 24.69 -25.48
CA PRO A 68 -19.85 25.90 -24.81
C PRO A 68 -18.39 25.72 -24.36
N ARG A 69 -17.61 26.81 -24.42
CA ARG A 69 -16.21 26.83 -24.00
C ARG A 69 -16.06 27.48 -22.61
N ASP A 70 -14.96 27.14 -21.95
CA ASP A 70 -14.66 27.76 -20.68
C ASP A 70 -13.62 28.88 -20.89
N ARG A 71 -12.98 29.32 -19.82
CA ARG A 71 -11.99 30.40 -19.86
C ARG A 71 -10.68 30.03 -20.61
N GLN A 72 -10.39 28.73 -20.76
CA GLN A 72 -9.23 28.22 -21.52
C GLN A 72 -9.51 28.12 -23.02
N GLY A 73 -10.78 28.24 -23.45
CA GLY A 73 -11.21 28.13 -24.84
C GLY A 73 -11.42 26.68 -25.28
N GLN A 74 -11.50 25.72 -24.34
CA GLN A 74 -11.66 24.28 -24.57
C GLN A 74 -13.15 23.90 -24.42
N PRO A 75 -13.66 22.96 -25.24
CA PRO A 75 -15.06 22.49 -25.15
C PRO A 75 -15.37 21.78 -23.80
N GLU A 76 -16.43 22.28 -23.12
CA GLU A 76 -16.79 21.91 -21.75
C GLU A 76 -17.14 20.42 -21.55
N SER A 77 -16.68 19.90 -20.40
CA SER A 77 -16.78 18.50 -19.97
C SER A 77 -18.15 18.09 -19.38
N CYS A 78 -19.07 19.04 -19.20
CA CYS A 78 -20.33 18.85 -18.49
C CYS A 78 -21.57 19.31 -19.30
N LEU A 79 -21.40 20.19 -20.27
CA LEU A 79 -22.57 20.73 -20.97
C LEU A 79 -22.53 20.66 -22.48
N ARG A 80 -23.62 21.05 -23.12
CA ARG A 80 -23.69 21.06 -24.57
C ARG A 80 -24.85 21.97 -24.93
N PHE A 81 -24.84 22.53 -26.15
CA PHE A 81 -25.87 23.48 -26.53
C PHE A 81 -27.22 22.84 -26.84
N THR A 82 -28.30 23.42 -26.33
CA THR A 82 -29.64 22.92 -26.60
C THR A 82 -30.09 23.18 -28.07
N SER A 83 -29.57 24.26 -28.65
CA SER A 83 -29.84 24.74 -30.01
C SER A 83 -28.51 25.09 -30.70
N PRO A 84 -28.46 25.08 -32.05
CA PRO A 84 -27.22 25.39 -32.78
C PRO A 84 -26.85 26.89 -32.68
N GLN A 85 -25.79 27.18 -31.90
CA GLN A 85 -25.28 28.53 -31.68
C GLN A 85 -24.24 28.85 -32.77
N ALA A 101 -28.88 28.63 -24.44
CA ALA A 101 -29.18 27.60 -23.45
C ALA A 101 -28.32 26.33 -23.60
N THR A 102 -27.87 25.80 -22.45
CA THR A 102 -27.12 24.56 -22.32
C THR A 102 -27.97 23.52 -21.58
N GLU A 103 -27.65 22.23 -21.80
CA GLU A 103 -28.35 21.08 -21.25
C GLU A 103 -27.37 19.97 -20.83
N PRO A 104 -27.81 19.06 -19.93
CA PRO A 104 -27.10 17.80 -19.65
C PRO A 104 -27.05 16.88 -20.88
N CYS A 105 -25.88 16.25 -21.06
CA CYS A 105 -25.47 15.58 -22.30
C CYS A 105 -26.03 14.16 -22.37
N THR A 106 -27.25 14.04 -22.92
CA THR A 106 -28.06 12.81 -22.97
C THR A 106 -27.46 11.67 -23.81
N ASP A 107 -26.68 12.00 -24.86
CA ASP A 107 -26.02 11.04 -25.75
C ASP A 107 -24.60 10.65 -25.25
N GLY A 108 -24.19 11.16 -24.08
CA GLY A 108 -22.92 10.82 -23.44
C GLY A 108 -21.82 11.79 -23.88
N TRP A 109 -20.61 11.23 -23.89
CA TRP A 109 -19.43 12.02 -24.18
C TRP A 109 -18.45 11.42 -25.15
N ILE A 110 -17.65 12.24 -25.77
CA ILE A 110 -16.55 11.87 -26.67
C ILE A 110 -15.25 11.99 -25.88
N TYR A 111 -14.47 10.93 -25.83
CA TYR A 111 -13.22 10.95 -25.08
C TYR A 111 -12.06 10.91 -26.06
N ASP A 112 -10.92 11.46 -25.66
CA ASP A 112 -9.77 11.50 -26.54
C ASP A 112 -9.09 10.16 -26.61
N ASN A 113 -9.04 9.58 -27.80
CA ASN A 113 -8.38 8.29 -27.96
C ASN A 113 -6.90 8.50 -28.23
N SER A 114 -6.22 9.17 -27.32
CA SER A 114 -4.79 9.39 -27.47
C SER A 114 -4.01 8.62 -26.43
N THR A 115 -3.79 9.24 -25.28
CA THR A 115 -3.06 8.60 -24.21
C THR A 115 -3.78 7.36 -23.71
N PHE A 116 -5.08 7.48 -23.44
CA PHE A 116 -5.82 6.36 -22.88
C PHE A 116 -6.93 5.91 -23.83
N PRO A 117 -6.73 4.76 -24.48
CA PRO A 117 -7.71 4.24 -25.45
C PRO A 117 -9.02 3.74 -24.81
N SER A 118 -8.93 3.24 -23.56
CA SER A 118 -10.07 2.88 -22.74
C SER A 118 -9.64 2.82 -21.27
N THR A 119 -10.47 3.43 -20.41
CA THR A 119 -10.39 3.43 -18.94
C THR A 119 -11.80 3.19 -18.39
N ILE A 120 -11.94 2.90 -17.08
CA ILE A 120 -13.26 2.76 -16.44
C ILE A 120 -14.13 4.04 -16.48
N VAL A 121 -13.45 5.21 -16.57
CA VAL A 121 -14.02 6.53 -16.79
C VAL A 121 -14.64 6.69 -18.20
N THR A 122 -14.03 6.03 -19.20
CA THR A 122 -14.50 5.97 -20.59
C THR A 122 -15.57 4.87 -20.80
N GLU A 123 -15.41 3.74 -20.10
CA GLU A 123 -16.18 2.50 -20.25
C GLU A 123 -17.65 2.65 -19.84
N TRP A 124 -17.88 3.19 -18.64
CA TRP A 124 -19.24 3.37 -18.12
C TRP A 124 -19.48 4.82 -17.71
N ASP A 125 -18.70 5.76 -18.27
CA ASP A 125 -18.88 7.20 -18.01
C ASP A 125 -18.79 7.70 -16.56
N LEU A 126 -17.60 7.67 -15.97
CA LEU A 126 -17.43 8.22 -14.62
C LEU A 126 -16.95 9.64 -14.83
N VAL A 127 -17.86 10.56 -15.16
CA VAL A 127 -17.52 11.93 -15.55
C VAL A 127 -18.62 12.92 -15.15
N CYS A 128 -18.21 14.17 -14.90
CA CYS A 128 -19.06 15.30 -14.50
C CYS A 128 -19.78 14.72 -13.26
N SER A 129 -21.12 14.66 -13.27
CA SER A 129 -21.88 14.12 -12.14
C SER A 129 -21.33 12.82 -11.55
N HIS A 130 -20.76 11.96 -12.36
CA HIS A 130 -20.19 10.75 -11.79
C HIS A 130 -18.70 10.89 -11.65
N ARG A 131 -18.24 12.11 -11.43
CA ARG A 131 -16.81 12.36 -11.31
C ARG A 131 -16.25 11.65 -10.12
N ALA A 132 -17.06 11.50 -9.09
CA ALA A 132 -16.56 10.93 -7.85
C ALA A 132 -16.59 9.42 -7.81
N LEU A 133 -17.33 8.80 -8.70
CA LEU A 133 -17.45 7.36 -8.57
C LEU A 133 -16.12 6.68 -8.80
N ARG A 134 -15.26 7.31 -9.59
CA ARG A 134 -13.95 6.73 -9.79
C ARG A 134 -13.13 6.72 -8.50
N GLN A 135 -13.33 7.67 -7.60
CA GLN A 135 -12.59 7.68 -6.34
C GLN A 135 -13.20 6.64 -5.42
N LEU A 136 -14.50 6.45 -5.54
CA LEU A 136 -15.17 5.49 -4.67
C LEU A 136 -14.55 4.13 -4.84
N ALA A 137 -14.18 3.79 -6.06
CA ALA A 137 -13.59 2.48 -6.31
C ALA A 137 -12.32 2.32 -5.49
N GLN A 138 -11.49 3.35 -5.49
CA GLN A 138 -10.24 3.28 -4.72
C GLN A 138 -10.57 3.14 -3.25
N SER A 139 -11.57 3.88 -2.79
CA SER A 139 -11.96 3.79 -1.40
C SER A 139 -12.36 2.37 -1.08
N LEU A 140 -13.16 1.77 -1.94
CA LEU A 140 -13.60 0.40 -1.71
C LEU A 140 -12.41 -0.54 -1.75
N TYR A 141 -11.63 -0.50 -2.81
CA TYR A 141 -10.42 -1.32 -2.84
C TYR A 141 -9.71 -1.31 -1.47
N MET A 142 -9.54 -0.10 -0.91
CA MET A 142 -8.87 0.13 0.37
C MET A 142 -9.69 -0.26 1.61
N VAL A 143 -11.03 -0.34 1.49
CA VAL A 143 -11.92 -0.97 2.48
C VAL A 143 -11.68 -2.49 2.55
N GLY A 144 -11.38 -3.10 1.39
CA GLY A 144 -10.91 -4.47 1.28
C GLY A 144 -9.56 -4.66 1.97
N VAL A 145 -8.61 -3.73 1.75
CA VAL A 145 -7.26 -3.75 2.34
C VAL A 145 -7.25 -3.65 3.89
N LEU A 146 -8.20 -2.90 4.46
CA LEU A 146 -8.44 -2.83 5.90
C LEU A 146 -8.96 -4.17 6.46
N LEU A 147 -10.00 -4.73 5.82
CA LEU A 147 -10.63 -6.00 6.17
C LEU A 147 -9.70 -7.21 6.04
N GLY A 148 -8.80 -7.20 5.04
CA GLY A 148 -7.90 -8.30 4.74
C GLY A 148 -6.74 -8.43 5.74
N ALA A 149 -6.35 -7.33 6.41
CA ALA A 149 -5.39 -7.35 7.52
C ALA A 149 -5.97 -7.99 8.79
N MET A 150 -7.30 -7.88 8.97
CA MET A 150 -8.05 -8.42 10.10
C MET A 150 -8.43 -9.89 9.88
N VAL A 151 -9.08 -10.18 8.73
CA VAL A 151 -9.61 -11.48 8.34
C VAL A 151 -8.49 -12.53 8.13
N PHE A 152 -7.50 -12.19 7.28
CA PHE A 152 -6.36 -13.07 7.00
C PHE A 152 -5.22 -12.97 8.03
N GLY A 153 -5.39 -12.12 9.07
CA GLY A 153 -4.56 -12.13 10.27
C GLY A 153 -5.06 -13.21 11.22
N TYR A 154 -6.36 -13.26 11.44
CA TYR A 154 -6.99 -14.26 12.32
C TYR A 154 -6.93 -15.66 11.70
N LEU A 155 -7.25 -15.78 10.41
CA LEU A 155 -7.20 -17.05 9.70
C LEU A 155 -5.78 -17.62 9.54
N ALA A 156 -4.74 -16.76 9.57
CA ALA A 156 -3.34 -17.19 9.51
C ALA A 156 -2.81 -17.72 10.85
N ASP A 157 -3.43 -17.32 11.97
CA ASP A 157 -3.20 -17.90 13.29
C ASP A 157 -3.98 -19.22 13.49
N ARG A 158 -4.96 -19.47 12.68
CA ARG A 158 -5.69 -20.67 12.89
C ARG A 158 -5.31 -21.71 11.90
N LEU A 159 -5.26 -21.37 10.66
CA LEU A 159 -4.96 -22.32 9.58
C LEU A 159 -3.46 -22.35 9.24
N GLY A 160 -2.72 -21.29 9.60
CA GLY A 160 -1.29 -21.17 9.31
C GLY A 160 -1.05 -20.19 8.16
N ARG A 161 0.19 -19.68 8.11
CA ARG A 161 0.70 -18.67 7.17
C ARG A 161 0.65 -19.12 5.70
N ARG A 162 1.19 -20.32 5.42
CA ARG A 162 1.26 -20.92 4.08
C ARG A 162 -0.14 -21.20 3.49
N LYS A 163 -1.03 -21.76 4.25
CA LYS A 163 -2.31 -22.01 3.70
C LYS A 163 -2.84 -20.70 3.27
N VAL A 164 -3.10 -19.81 4.18
CA VAL A 164 -3.72 -18.53 3.87
C VAL A 164 -3.09 -17.82 2.65
N LEU A 165 -1.76 -17.89 2.50
CA LEU A 165 -1.04 -17.34 1.35
C LEU A 165 -1.43 -18.02 0.03
N ILE A 166 -1.60 -19.36 0.03
CA ILE A 166 -2.13 -20.15 -1.09
C ILE A 166 -3.53 -19.66 -1.54
N LEU A 167 -4.44 -19.49 -0.57
CA LEU A 167 -5.80 -18.99 -0.79
C LEU A 167 -5.86 -17.54 -1.27
N ASN A 168 -4.91 -16.69 -0.85
CA ASN A 168 -4.82 -15.28 -1.24
C ASN A 168 -4.23 -15.09 -2.64
N TYR A 169 -3.23 -15.90 -3.04
CA TYR A 169 -2.72 -15.90 -4.41
C TYR A 169 -3.79 -16.37 -5.43
N LEU A 170 -4.63 -17.33 -5.02
CA LEU A 170 -5.79 -17.78 -5.78
C LEU A 170 -6.88 -16.69 -5.87
N GLN A 171 -7.21 -16.05 -4.74
CA GLN A 171 -8.24 -15.01 -4.65
C GLN A 171 -7.89 -13.73 -5.41
N THR A 172 -6.63 -13.25 -5.31
CA THR A 172 -6.12 -12.08 -6.05
C THR A 172 -6.18 -12.28 -7.58
N ALA A 173 -5.84 -13.51 -8.03
CA ALA A 173 -5.83 -13.90 -9.43
C ALA A 173 -7.24 -13.99 -10.03
N VAL A 174 -8.15 -14.67 -9.32
CA VAL A 174 -9.55 -14.87 -9.72
C VAL A 174 -10.35 -13.56 -9.72
N SER A 175 -10.34 -12.82 -8.59
CA SER A 175 -11.05 -11.54 -8.45
C SER A 175 -10.43 -10.41 -9.31
N GLY A 176 -9.11 -10.45 -9.55
CA GLY A 176 -8.41 -9.47 -10.38
C GLY A 176 -8.66 -9.71 -11.87
N THR A 177 -8.89 -10.98 -12.29
CA THR A 177 -9.31 -11.34 -13.65
C THR A 177 -10.81 -11.05 -13.89
N CYS A 178 -11.64 -11.22 -12.84
CA CYS A 178 -13.07 -10.92 -12.87
C CYS A 178 -13.37 -9.41 -12.76
N ALA A 179 -12.40 -8.61 -12.27
CA ALA A 179 -12.42 -7.14 -12.33
C ALA A 179 -12.13 -6.64 -13.76
N ALA A 180 -11.18 -7.31 -14.46
CA ALA A 180 -10.87 -7.08 -15.88
C ALA A 180 -11.99 -7.46 -16.84
N PHE A 181 -12.90 -8.34 -16.41
CA PHE A 181 -14.04 -8.85 -17.18
C PHE A 181 -15.39 -8.53 -16.52
N ALA A 182 -15.42 -7.51 -15.63
CA ALA A 182 -16.62 -6.99 -14.98
C ALA A 182 -17.49 -6.23 -16.00
N PRO A 183 -18.77 -6.64 -16.20
CA PRO A 183 -19.64 -6.02 -17.21
C PRO A 183 -20.13 -4.60 -16.84
N ASN A 184 -20.13 -4.26 -15.55
CA ASN A 184 -20.59 -2.97 -15.01
C ASN A 184 -19.76 -2.55 -13.78
N PHE A 185 -19.75 -1.26 -13.47
CA PHE A 185 -18.99 -0.72 -12.34
C PHE A 185 -19.28 -1.37 -10.92
N PRO A 186 -20.57 -1.58 -10.50
CA PRO A 186 -20.79 -2.22 -9.19
C PRO A 186 -20.07 -3.57 -8.99
N ILE A 187 -20.04 -4.41 -10.03
CA ILE A 187 -19.35 -5.71 -10.02
C ILE A 187 -17.81 -5.55 -10.02
N TYR A 188 -17.29 -4.51 -10.70
CA TYR A 188 -15.89 -4.10 -10.65
C TYR A 188 -15.44 -3.69 -9.23
N CYS A 189 -16.26 -2.90 -8.53
CA CYS A 189 -16.01 -2.43 -7.16
C CYS A 189 -15.98 -3.57 -6.12
N ALA A 190 -16.86 -4.57 -6.30
CA ALA A 190 -16.90 -5.79 -5.48
C ALA A 190 -15.66 -6.68 -5.67
N PHE A 191 -15.19 -6.83 -6.92
CA PHE A 191 -14.00 -7.59 -7.28
C PHE A 191 -12.67 -6.88 -6.97
N ARG A 192 -12.66 -5.54 -6.92
CA ARG A 192 -11.54 -4.74 -6.40
C ARG A 192 -11.44 -4.85 -4.87
N LEU A 193 -12.58 -4.92 -4.17
CA LEU A 193 -12.64 -5.13 -2.72
C LEU A 193 -12.10 -6.51 -2.31
N LEU A 194 -12.43 -7.56 -3.08
CA LEU A 194 -11.91 -8.93 -2.90
C LEU A 194 -10.42 -9.06 -3.27
N SER A 195 -9.95 -8.31 -4.28
CA SER A 195 -8.55 -8.27 -4.70
C SER A 195 -7.67 -7.58 -3.64
N GLY A 196 -8.13 -6.43 -3.11
CA GLY A 196 -7.44 -5.67 -2.06
C GLY A 196 -7.42 -6.42 -0.72
N MET A 197 -8.44 -7.25 -0.43
CA MET A 197 -8.52 -8.09 0.77
C MET A 197 -7.52 -9.24 0.76
N ALA A 198 -7.39 -9.91 -0.39
CA ALA A 198 -6.39 -10.96 -0.61
C ALA A 198 -4.95 -10.42 -0.58
N LEU A 199 -4.73 -9.25 -1.20
CA LEU A 199 -3.44 -8.54 -1.24
C LEU A 199 -3.00 -7.99 0.13
N ALA A 200 -3.95 -7.63 1.00
CA ALA A 200 -3.68 -7.26 2.39
C ALA A 200 -3.27 -8.43 3.27
N GLY A 201 -3.80 -9.63 2.97
CA GLY A 201 -3.37 -10.88 3.58
C GLY A 201 -2.00 -11.35 3.05
N ILE A 202 -1.65 -10.98 1.80
CA ILE A 202 -0.33 -11.24 1.20
C ILE A 202 0.75 -10.36 1.81
N SER A 203 0.52 -9.02 1.88
CA SER A 203 1.43 -8.05 2.50
C SER A 203 1.69 -8.28 4.01
N LEU A 204 0.72 -8.92 4.69
CA LEU A 204 0.79 -9.32 6.08
C LEU A 204 1.63 -10.60 6.26
N ASN A 205 1.19 -11.71 5.64
CA ASN A 205 1.73 -13.05 5.90
C ASN A 205 3.02 -13.37 5.12
N CYS A 206 3.39 -12.55 4.12
CA CYS A 206 4.70 -12.61 3.45
C CYS A 206 5.86 -12.28 4.40
N MET A 207 5.65 -11.29 5.26
CA MET A 207 6.67 -10.93 6.23
C MET A 207 6.72 -11.98 7.30
N THR A 208 5.58 -12.33 7.86
CA THR A 208 5.54 -13.31 8.93
C THR A 208 6.19 -14.62 8.51
N LEU A 209 5.89 -15.09 7.30
CA LEU A 209 6.48 -16.34 6.83
C LEU A 209 7.95 -16.14 6.50
N ASN A 210 8.36 -14.90 6.28
CA ASN A 210 9.77 -14.62 5.96
C ASN A 210 10.53 -14.11 7.17
N VAL A 211 9.86 -13.98 8.30
CA VAL A 211 10.54 -13.56 9.51
C VAL A 211 10.71 -14.73 10.45
N GLU A 212 9.73 -15.64 10.46
CA GLU A 212 9.77 -16.77 11.36
C GLU A 212 10.64 -17.93 10.87
N TRP A 213 11.23 -17.80 9.70
CA TRP A 213 12.10 -18.83 9.15
C TRP A 213 13.57 -18.38 9.07
N MET A 214 13.84 -17.10 9.23
CA MET A 214 15.20 -16.56 9.19
C MET A 214 15.66 -16.13 10.61
N PRO A 215 16.95 -16.35 10.95
CA PRO A 215 17.55 -15.93 12.24
C PRO A 215 17.29 -14.48 12.69
N ILE A 216 17.26 -14.29 14.02
CA ILE A 216 16.92 -13.03 14.71
C ILE A 216 17.68 -11.78 14.23
N HIS A 217 18.97 -11.89 13.93
CA HIS A 217 19.77 -10.73 13.49
C HIS A 217 19.56 -10.34 12.01
N THR A 218 18.81 -11.14 11.27
CA THR A 218 18.52 -10.91 9.86
C THR A 218 17.04 -10.53 9.59
N ARG A 219 16.28 -10.33 10.68
CA ARG A 219 14.84 -9.98 10.62
C ARG A 219 14.63 -8.63 10.08
N ALA A 220 15.46 -7.76 10.45
CA ALA A 220 15.47 -6.36 10.00
C ALA A 220 15.75 -6.21 8.50
N CYS A 221 16.57 -7.12 7.94
CA CYS A 221 16.91 -7.17 6.51
C CYS A 221 15.74 -7.67 5.65
N VAL A 222 14.86 -8.52 6.21
CA VAL A 222 13.64 -9.00 5.56
C VAL A 222 12.61 -7.87 5.36
N GLY A 223 12.43 -7.02 6.40
CA GLY A 223 11.52 -5.88 6.35
C GLY A 223 12.04 -4.75 5.45
N THR A 224 13.32 -4.65 5.18
CA THR A 224 13.70 -3.58 4.26
C THR A 224 13.67 -4.14 2.87
N LEU A 225 14.08 -5.38 2.69
CA LEU A 225 13.92 -6.02 1.38
C LEU A 225 12.49 -5.87 0.83
N ILE A 226 11.49 -6.12 1.68
CA ILE A 226 10.06 -5.98 1.39
C ILE A 226 9.64 -4.53 1.03
N GLY A 227 10.23 -3.54 1.71
CA GLY A 227 9.98 -2.11 1.49
C GLY A 227 10.58 -1.63 0.15
N TYR A 228 11.80 -2.09 -0.19
CA TYR A 228 12.45 -1.79 -1.47
C TYR A 228 11.79 -2.48 -2.68
N VAL A 229 11.30 -3.71 -2.52
CA VAL A 229 10.62 -4.47 -3.58
C VAL A 229 9.23 -3.89 -3.95
N TYR A 230 8.56 -3.23 -2.99
CA TYR A 230 7.36 -2.42 -3.23
C TYR A 230 7.69 -1.17 -4.08
N SER A 231 8.80 -0.49 -3.75
CA SER A 231 9.30 0.69 -4.47
C SER A 231 9.73 0.39 -5.92
N LEU A 232 10.32 -0.81 -6.14
CA LEU A 232 10.64 -1.36 -7.46
C LEU A 232 9.40 -1.74 -8.29
N GLY A 233 8.26 -1.98 -7.63
CA GLY A 233 6.99 -2.35 -8.24
C GLY A 233 6.29 -1.16 -8.91
N GLN A 234 6.81 0.04 -8.69
CA GLN A 234 6.27 1.22 -9.31
C GLN A 234 6.84 1.23 -10.69
N PHE A 235 8.11 1.03 -10.87
CA PHE A 235 8.77 0.94 -12.17
C PHE A 235 8.09 -0.10 -13.08
N LEU A 236 7.69 -1.24 -12.49
CA LEU A 236 6.95 -2.32 -13.17
C LEU A 236 5.58 -1.83 -13.67
N LEU A 237 4.83 -1.10 -12.81
CA LEU A 237 3.54 -0.52 -13.12
C LEU A 237 3.59 0.49 -14.28
N ALA A 238 4.61 1.37 -14.28
CA ALA A 238 4.84 2.37 -15.31
C ALA A 238 5.15 1.77 -16.69
N GLY A 239 5.91 0.67 -16.73
CA GLY A 239 6.32 0.00 -17.97
C GLY A 239 5.18 -0.89 -18.52
N VAL A 240 4.47 -1.61 -17.63
CA VAL A 240 3.34 -2.48 -17.97
C VAL A 240 2.10 -1.70 -18.45
N ALA A 241 1.84 -0.53 -17.84
CA ALA A 241 0.76 0.38 -18.24
C ALA A 241 1.06 1.17 -19.52
N TYR A 242 2.36 1.41 -19.82
CA TYR A 242 2.78 2.05 -21.07
C TYR A 242 2.70 1.08 -22.26
N ALA A 243 3.07 -0.19 -22.02
CA ALA A 243 2.97 -1.28 -22.99
C ALA A 243 1.52 -1.74 -23.25
N VAL A 244 0.66 -1.63 -22.23
CA VAL A 244 -0.75 -2.04 -22.29
C VAL A 244 -1.61 -0.94 -21.61
N PRO A 245 -2.06 0.06 -22.40
CA PRO A 245 -2.83 1.15 -21.81
C PRO A 245 -4.28 0.75 -21.51
N HIS A 246 -4.91 -0.02 -22.39
CA HIS A 246 -6.30 -0.39 -22.19
C HIS A 246 -6.46 -0.93 -20.78
N TRP A 247 -7.50 -0.51 -20.08
CA TRP A 247 -7.64 -0.91 -18.68
C TRP A 247 -7.80 -2.40 -18.48
N ARG A 248 -8.55 -3.06 -19.35
CA ARG A 248 -8.79 -4.49 -19.17
C ARG A 248 -7.52 -5.32 -19.36
N HIS A 249 -6.80 -5.09 -20.45
CA HIS A 249 -5.57 -5.85 -20.70
C HIS A 249 -4.52 -5.46 -19.68
N LEU A 250 -4.79 -4.41 -18.93
CA LEU A 250 -3.88 -3.93 -17.88
C LEU A 250 -4.21 -4.54 -16.50
N GLN A 251 -5.50 -4.50 -16.12
CA GLN A 251 -6.05 -5.14 -14.91
C GLN A 251 -5.83 -6.66 -14.90
N LEU A 252 -5.96 -7.29 -16.08
CA LEU A 252 -5.69 -8.71 -16.31
C LEU A 252 -4.20 -9.06 -16.19
N LEU A 253 -3.31 -8.28 -16.83
CA LEU A 253 -1.86 -8.52 -16.88
C LEU A 253 -1.16 -8.32 -15.52
N VAL A 254 -1.68 -7.41 -14.69
CA VAL A 254 -1.24 -7.17 -13.31
C VAL A 254 -1.72 -8.27 -12.33
N SER A 255 -2.83 -8.97 -12.65
CA SER A 255 -3.47 -9.98 -11.80
C SER A 255 -3.13 -11.43 -12.20
N ALA A 256 -2.81 -11.68 -13.47
CA ALA A 256 -2.54 -13.02 -14.01
C ALA A 256 -1.29 -13.77 -13.48
N PRO A 257 -0.19 -13.08 -13.06
CA PRO A 257 0.94 -13.71 -12.37
C PRO A 257 0.61 -14.38 -11.02
N PHE A 258 -0.49 -13.97 -10.37
CA PHE A 258 -0.97 -14.56 -9.11
C PHE A 258 -1.47 -16.00 -9.22
N PHE A 259 -1.86 -16.45 -10.43
CA PHE A 259 -2.10 -17.87 -10.73
C PHE A 259 -0.82 -18.72 -10.66
N ALA A 260 0.27 -18.07 -11.06
CA ALA A 260 1.53 -18.75 -10.99
C ALA A 260 1.91 -18.84 -9.60
N PHE A 261 1.79 -17.72 -8.87
CA PHE A 261 2.18 -17.62 -7.44
C PHE A 261 1.55 -18.73 -6.70
N PHE A 262 0.28 -18.84 -6.90
CA PHE A 262 -0.57 -19.90 -6.35
C PHE A 262 -0.02 -21.32 -6.57
N ILE A 263 0.36 -21.62 -7.80
CA ILE A 263 0.89 -22.95 -8.09
C ILE A 263 2.26 -23.15 -7.55
N TYR A 264 3.02 -22.11 -7.23
CA TYR A 264 4.32 -22.39 -6.61
C TYR A 264 4.27 -22.35 -5.08
N SER A 265 3.16 -21.88 -4.53
CA SER A 265 3.05 -21.75 -3.08
C SER A 265 2.73 -23.05 -2.39
N TRP A 266 2.30 -24.05 -3.14
CA TRP A 266 2.04 -25.36 -2.57
C TRP A 266 3.34 -25.92 -2.03
N PHE A 267 4.38 -25.88 -2.84
CA PHE A 267 5.65 -26.38 -2.43
C PHE A 267 6.30 -25.82 -1.17
N PHE A 268 5.77 -24.72 -0.64
CA PHE A 268 6.35 -24.08 0.53
C PHE A 268 6.29 -24.90 1.82
N ILE A 269 7.10 -24.55 2.80
CA ILE A 269 7.05 -25.20 4.11
C ILE A 269 6.46 -24.20 5.11
N GLU A 270 5.43 -24.65 5.84
CA GLU A 270 4.72 -23.92 6.89
C GLU A 270 5.63 -23.59 8.09
N SER A 271 5.41 -22.42 8.70
CA SER A 271 6.14 -21.90 9.86
C SER A 271 6.21 -22.89 11.04
N ALA A 272 7.44 -23.28 11.39
CA ALA A 272 7.76 -24.13 12.54
C ALA A 272 7.50 -23.47 13.91
N ARG A 273 7.38 -22.13 13.84
CA ARG A 273 7.00 -21.41 15.05
C ARG A 273 5.50 -21.62 15.22
N TRP A 274 4.75 -21.35 14.15
CA TRP A 274 3.31 -21.54 14.20
C TRP A 274 2.99 -22.93 14.73
N HIS A 275 3.69 -23.95 14.24
CA HIS A 275 3.47 -25.31 14.72
C HIS A 275 3.62 -25.42 16.22
N SER A 276 4.73 -24.93 16.77
CA SER A 276 5.02 -24.99 18.20
C SER A 276 3.95 -24.28 19.06
N SER A 277 3.63 -23.06 18.66
CA SER A 277 2.71 -22.29 19.45
C SER A 277 1.39 -22.91 19.36
N SER A 278 0.99 -23.23 18.15
CA SER A 278 -0.32 -23.78 17.97
C SER A 278 -0.38 -25.10 18.65
N GLY A 279 0.72 -25.81 18.70
CA GLY A 279 0.71 -27.01 19.49
C GLY A 279 1.31 -28.20 18.89
N ARG A 280 1.24 -28.32 17.57
CA ARG A 280 1.76 -29.50 16.92
C ARG A 280 3.28 -29.45 16.93
N LEU A 281 3.89 -29.76 18.07
CA LEU A 281 5.33 -29.71 18.10
C LEU A 281 5.89 -30.76 17.19
N ASP A 282 5.09 -31.72 16.87
CA ASP A 282 5.56 -32.77 16.07
C ASP A 282 5.70 -32.39 14.63
N LEU A 283 5.14 -31.27 14.21
CA LEU A 283 5.33 -30.83 12.84
C LEU A 283 6.55 -29.95 12.91
N THR A 284 6.67 -29.20 14.00
CA THR A 284 7.91 -28.43 14.18
C THR A 284 9.16 -29.27 13.82
N LEU A 285 9.15 -30.56 14.18
CA LEU A 285 10.20 -31.53 13.86
C LEU A 285 10.32 -31.77 12.35
N ARG A 286 9.21 -32.03 11.64
CA ARG A 286 9.36 -32.30 10.24
C ARG A 286 9.77 -31.04 9.60
N ALA A 287 9.08 -29.94 9.84
CA ALA A 287 9.39 -28.68 9.18
C ALA A 287 10.89 -28.33 9.24
N LEU A 288 11.49 -28.39 10.43
CA LEU A 288 12.91 -28.13 10.67
C LEU A 288 13.84 -29.15 9.99
N GLN A 289 13.44 -30.43 9.97
CA GLN A 289 14.15 -31.52 9.29
C GLN A 289 14.10 -31.42 7.76
N ARG A 290 13.09 -30.81 7.15
CA ARG A 290 13.09 -30.75 5.72
C ARG A 290 13.95 -29.63 5.40
N VAL A 291 13.73 -28.51 6.06
CA VAL A 291 14.61 -27.36 5.83
C VAL A 291 16.11 -27.73 5.95
N ALA A 292 16.46 -28.62 6.90
CA ALA A 292 17.81 -29.15 7.08
C ALA A 292 18.30 -30.02 5.91
N ARG A 293 17.36 -30.71 5.22
CA ARG A 293 17.62 -31.47 4.00
C ARG A 293 17.81 -30.58 2.76
N ILE A 294 17.15 -29.42 2.71
CA ILE A 294 17.33 -28.41 1.65
C ILE A 294 18.64 -27.62 1.84
N ASN A 295 18.98 -27.29 3.10
CA ASN A 295 20.23 -26.62 3.50
C ASN A 295 21.46 -27.54 3.40
N GLY A 296 21.25 -28.86 3.43
CA GLY A 296 22.30 -29.87 3.25
C GLY A 296 22.95 -30.31 4.57
N LYS A 297 22.63 -29.66 5.68
CA LYS A 297 23.16 -30.06 6.97
C LYS A 297 22.21 -31.06 7.59
N ARG A 298 21.96 -32.15 6.88
CA ARG A 298 21.00 -33.14 7.36
C ARG A 298 21.41 -33.82 8.66
N GLU A 299 22.70 -34.05 8.84
CA GLU A 299 23.17 -34.72 10.04
C GLU A 299 22.70 -33.99 11.29
N GLU A 300 22.75 -32.67 11.25
CA GLU A 300 22.35 -31.89 12.43
C GLU A 300 20.88 -32.11 12.75
N GLY A 301 20.03 -32.05 11.75
CA GLY A 301 18.62 -32.28 11.97
C GLY A 301 18.44 -33.71 12.44
N ALA A 302 19.27 -34.61 11.91
CA ALA A 302 19.19 -35.99 12.30
C ALA A 302 19.35 -36.06 13.81
N LYS A 303 20.31 -35.31 14.33
CA LYS A 303 20.50 -35.27 15.76
C LYS A 303 19.24 -34.74 16.44
N LEU A 304 18.55 -33.83 15.77
CA LEU A 304 17.33 -33.26 16.34
C LEU A 304 16.30 -34.34 16.64
N SER A 305 15.47 -34.11 17.64
CA SER A 305 14.42 -35.06 18.01
C SER A 305 13.31 -34.32 18.79
N MET A 306 12.23 -35.02 19.15
CA MET A 306 11.20 -34.39 19.98
C MET A 306 11.75 -34.00 21.34
N GLU A 307 12.58 -34.85 21.93
CA GLU A 307 13.20 -34.57 23.23
C GLU A 307 13.95 -33.23 23.26
N VAL A 308 14.61 -32.86 22.16
CA VAL A 308 15.31 -31.60 21.97
C VAL A 308 14.33 -30.40 21.88
N LEU A 309 13.20 -30.59 21.17
CA LEU A 309 12.16 -29.59 20.97
C LEU A 309 11.39 -29.20 22.25
N ARG A 310 11.19 -30.17 23.16
CA ARG A 310 10.54 -29.94 24.47
C ARG A 310 11.29 -28.90 25.32
N ALA A 311 12.63 -29.00 25.35
CA ALA A 311 13.52 -28.13 26.11
C ALA A 311 13.82 -26.81 25.38
N SER A 312 13.96 -26.84 24.06
CA SER A 312 14.30 -25.64 23.33
C SER A 312 13.21 -24.59 23.45
N LEU A 313 12.04 -24.91 22.93
CA LEU A 313 10.94 -23.95 22.94
C LEU A 313 10.14 -24.04 24.23
N GLN A 314 10.68 -24.74 25.22
CA GLN A 314 9.96 -24.91 26.46
C GLN A 314 9.46 -23.57 26.97
N LYS A 315 10.36 -22.62 27.10
CA LYS A 315 9.98 -21.31 27.61
C LYS A 315 9.01 -20.61 26.69
N GLU A 316 9.37 -20.48 25.42
CA GLU A 316 8.52 -19.76 24.48
C GLU A 316 7.13 -20.38 24.39
N LEU A 317 7.08 -21.70 24.25
CA LEU A 317 5.80 -22.38 24.16
C LEU A 317 4.97 -22.11 25.40
N THR A 318 5.61 -22.13 26.56
CA THR A 318 4.91 -21.88 27.82
C THR A 318 4.38 -20.46 27.86
N SER A 325 -4.00 -7.75 24.73
CA SER A 325 -5.10 -7.31 23.87
C SER A 325 -5.01 -5.83 23.48
N ALA A 326 -5.68 -5.47 22.36
CA ALA A 326 -5.77 -4.10 21.85
C ALA A 326 -6.57 -3.14 22.77
N MET A 327 -7.36 -3.69 23.70
CA MET A 327 -8.07 -2.94 24.74
C MET A 327 -7.16 -2.44 25.87
N GLU A 328 -5.95 -2.98 25.96
CA GLU A 328 -5.06 -2.51 26.98
C GLU A 328 -4.69 -1.13 26.58
N LEU A 329 -4.23 -0.93 25.36
CA LEU A 329 -3.86 0.39 24.84
C LEU A 329 -4.85 1.48 25.29
N LEU A 330 -6.15 1.10 25.24
CA LEU A 330 -7.23 2.01 25.63
C LEU A 330 -7.68 1.85 27.04
N ARG A 331 -6.92 1.12 27.85
CA ARG A 331 -7.21 1.03 29.27
C ARG A 331 -6.08 1.66 30.07
N CYS A 332 -4.85 1.50 29.62
CA CYS A 332 -3.76 2.08 30.33
C CYS A 332 -3.48 3.51 29.92
N PRO A 333 -3.53 4.50 30.86
CA PRO A 333 -3.38 5.91 30.43
C PRO A 333 -2.00 6.22 29.79
N THR A 334 -0.96 5.54 30.29
CA THR A 334 0.41 5.56 29.78
C THR A 334 0.53 5.03 28.33
N LEU A 335 -0.18 3.92 28.10
CA LEU A 335 -0.19 3.28 26.80
C LEU A 335 -1.16 3.97 25.85
N ARG A 336 -2.10 4.76 26.36
CA ARG A 336 -3.04 5.47 25.50
C ARG A 336 -2.30 6.53 24.89
N HIS A 337 -1.48 7.21 25.70
CA HIS A 337 -0.69 8.33 25.21
C HIS A 337 0.04 7.95 23.95
N LEU A 338 0.76 6.84 24.01
CA LEU A 338 1.47 6.36 22.84
C LEU A 338 0.50 6.14 21.73
N PHE A 339 -0.49 5.28 21.96
CA PHE A 339 -1.48 4.97 20.94
C PHE A 339 -2.07 6.16 20.19
N LEU A 340 -2.72 7.09 20.89
CA LEU A 340 -3.41 8.19 20.23
C LEU A 340 -2.46 9.11 19.44
N CYS A 341 -1.21 9.29 19.93
CA CYS A 341 -0.16 10.00 19.22
C CYS A 341 0.27 9.25 17.95
N LEU A 342 0.69 7.99 18.09
CA LEU A 342 1.13 7.10 17.01
C LEU A 342 0.07 6.84 15.92
N SER A 343 -1.21 6.78 16.32
CA SER A 343 -2.37 6.62 15.44
C SER A 343 -2.53 7.77 14.42
N MET A 344 -2.19 8.98 14.83
CA MET A 344 -2.23 10.11 13.91
C MET A 344 -1.09 9.98 12.94
N LEU A 345 0.11 9.77 13.45
CA LEU A 345 1.28 9.70 12.58
C LEU A 345 1.07 8.74 11.43
N TRP A 346 0.71 7.49 11.73
CA TRP A 346 0.45 6.52 10.67
C TRP A 346 -0.65 7.02 9.76
N PHE A 347 -1.78 7.46 10.33
CA PHE A 347 -2.89 7.99 9.54
C PHE A 347 -2.45 9.07 8.55
N ALA A 348 -1.80 10.13 9.06
CA ALA A 348 -1.36 11.30 8.29
C ALA A 348 -0.31 10.99 7.21
N THR A 349 0.59 10.03 7.50
CA THR A 349 1.60 9.55 6.57
C THR A 349 0.98 8.85 5.35
N SER A 350 -0.01 7.97 5.57
CA SER A 350 -0.71 7.23 4.52
C SER A 350 -1.73 8.09 3.75
N PHE A 351 -2.46 8.94 4.48
CA PHE A 351 -3.51 9.83 3.98
C PHE A 351 -3.01 10.86 2.94
N ALA A 352 -1.86 11.49 3.23
CA ALA A 352 -1.20 12.43 2.33
C ALA A 352 -0.35 11.74 1.25
N TYR A 353 0.10 10.49 1.50
CA TYR A 353 0.80 9.65 0.52
C TYR A 353 -0.10 9.29 -0.67
N TYR A 354 -1.25 8.65 -0.41
CA TYR A 354 -2.27 8.36 -1.42
C TYR A 354 -2.96 9.62 -1.97
N GLY A 355 -2.94 10.74 -1.23
CA GLY A 355 -3.52 12.01 -1.65
C GLY A 355 -2.66 12.70 -2.73
N LEU A 356 -1.36 12.39 -2.78
CA LEU A 356 -0.38 12.96 -3.71
C LEU A 356 0.03 11.96 -4.82
N VAL A 357 -0.24 10.66 -4.61
CA VAL A 357 0.09 9.57 -5.54
C VAL A 357 -1.11 9.19 -6.45
N MET A 358 -2.36 9.32 -5.98
CA MET A 358 -3.56 8.99 -6.80
C MET A 358 -3.96 10.05 -7.81
N ASP A 359 -3.12 11.04 -8.03
CA ASP A 359 -3.32 12.12 -9.00
C ASP A 359 -1.96 12.37 -9.68
N LEU A 360 -1.73 11.55 -10.69
CA LEU A 360 -0.56 11.68 -11.46
C LEU A 360 -0.89 12.83 -12.37
N GLN A 361 -2.12 12.85 -12.86
CA GLN A 361 -2.53 13.90 -13.77
C GLN A 361 -2.39 15.30 -13.18
N GLY A 362 -2.23 16.30 -14.04
CA GLY A 362 -2.19 17.68 -13.57
C GLY A 362 -0.79 18.15 -13.23
N PHE A 363 0.18 17.23 -13.25
CA PHE A 363 1.55 17.60 -12.97
C PHE A 363 2.16 18.21 -14.20
N GLY A 364 1.39 18.27 -15.29
CA GLY A 364 1.84 18.91 -16.48
C GLY A 364 2.73 18.06 -17.29
N VAL A 365 2.90 16.80 -16.91
CA VAL A 365 3.84 15.95 -17.63
C VAL A 365 3.31 14.51 -17.78
N SER A 366 4.02 13.63 -18.46
CA SER A 366 3.55 12.27 -18.73
C SER A 366 3.25 11.52 -17.45
N ILE A 367 2.07 10.92 -17.38
CA ILE A 367 1.67 10.22 -16.17
C ILE A 367 2.48 8.94 -15.92
N TYR A 368 3.25 8.50 -16.90
CA TYR A 368 4.04 7.32 -16.71
C TYR A 368 5.32 7.85 -16.14
N LEU A 369 5.90 8.88 -16.77
CA LEU A 369 7.19 9.39 -16.31
C LEU A 369 7.20 9.72 -14.82
N ILE A 370 6.14 10.37 -14.33
CA ILE A 370 6.13 10.74 -12.94
C ILE A 370 6.12 9.49 -12.04
N GLN A 371 5.44 8.41 -12.42
CA GLN A 371 5.41 7.13 -11.69
C GLN A 371 6.82 6.54 -11.50
N VAL A 372 7.67 6.67 -12.53
CA VAL A 372 9.09 6.32 -12.49
C VAL A 372 9.89 7.27 -11.58
N ILE A 373 9.63 8.58 -11.65
CA ILE A 373 10.28 9.60 -10.82
C ILE A 373 9.94 9.44 -9.32
N PHE A 374 8.69 9.08 -9.03
CA PHE A 374 8.23 8.84 -7.65
C PHE A 374 8.87 7.60 -7.07
N GLY A 375 8.96 6.54 -7.88
CA GLY A 375 9.53 5.31 -7.42
C GLY A 375 10.96 5.60 -7.20
N ALA A 376 11.53 6.55 -7.94
CA ALA A 376 12.97 6.78 -7.88
C ALA A 376 13.35 7.81 -6.85
N VAL A 377 12.37 8.42 -6.23
CA VAL A 377 12.68 9.36 -5.18
C VAL A 377 12.54 8.61 -3.86
N ASP A 378 11.91 7.44 -3.90
CA ASP A 378 11.69 6.73 -2.68
C ASP A 378 13.00 6.19 -2.35
N LEU A 379 13.77 5.82 -3.33
CA LEU A 379 15.00 5.16 -3.02
C LEU A 379 15.96 6.05 -2.21
N PRO A 380 16.45 7.16 -2.73
CA PRO A 380 17.35 7.88 -1.84
C PRO A 380 16.62 8.34 -0.57
N ALA A 381 15.29 8.40 -0.61
CA ALA A 381 14.55 8.84 0.54
C ALA A 381 14.73 7.85 1.66
N LYS A 382 14.77 6.57 1.31
CA LYS A 382 14.93 5.54 2.32
C LYS A 382 16.29 5.69 3.02
N LEU A 383 17.30 6.12 2.28
CA LEU A 383 18.62 6.30 2.86
C LEU A 383 18.67 7.57 3.69
N VAL A 384 18.62 8.71 3.04
CA VAL A 384 18.63 9.99 3.73
C VAL A 384 17.72 10.00 4.98
N GLY A 385 16.61 9.24 4.92
CA GLY A 385 15.73 8.99 6.07
C GLY A 385 16.47 8.19 7.15
N PHE A 386 17.19 7.12 6.76
CA PHE A 386 18.06 6.30 7.60
C PHE A 386 19.21 7.08 8.28
N LEU A 387 19.83 8.01 7.54
CA LEU A 387 20.92 8.85 8.03
C LEU A 387 20.45 9.82 9.14
N VAL A 388 19.31 10.50 8.93
CA VAL A 388 18.71 11.42 9.91
C VAL A 388 18.14 10.68 11.14
N ILE A 389 17.60 9.47 10.94
CA ILE A 389 17.13 8.52 11.97
C ILE A 389 18.20 8.14 13.02
N ASN A 390 19.48 8.09 12.61
CA ASN A 390 20.60 7.69 13.47
C ASN A 390 21.48 8.88 13.91
N SER A 391 21.65 9.90 13.05
CA SER A 391 22.51 11.05 13.34
C SER A 391 21.83 12.15 14.19
N LEU A 392 20.54 12.43 13.91
CA LEU A 392 19.76 13.44 14.62
C LEU A 392 18.74 12.81 15.58
N GLY A 393 18.34 11.55 15.32
CA GLY A 393 17.49 10.75 16.21
C GLY A 393 16.17 10.41 15.53
N ARG A 394 15.43 9.49 16.16
CA ARG A 394 14.17 9.04 15.55
C ARG A 394 13.12 10.13 15.57
N ARG A 395 12.84 10.66 16.76
CA ARG A 395 11.79 11.66 16.88
C ARG A 395 12.01 12.79 15.89
N PRO A 396 13.24 13.31 15.80
CA PRO A 396 13.37 14.41 14.85
C PRO A 396 12.89 14.00 13.48
N ALA A 397 13.14 12.76 13.10
CA ALA A 397 12.79 12.33 11.75
C ALA A 397 11.31 12.53 11.47
N GLN A 398 10.47 11.90 12.27
CA GLN A 398 9.04 11.97 11.99
C GLN A 398 8.62 13.41 11.71
N MET A 399 8.93 14.32 12.62
CA MET A 399 8.51 15.70 12.42
C MET A 399 9.12 16.28 11.16
N ALA A 400 10.41 16.05 10.95
CA ALA A 400 11.08 16.60 9.77
C ALA A 400 10.44 16.08 8.50
N ALA A 401 10.29 14.76 8.42
CA ALA A 401 9.72 14.17 7.21
C ALA A 401 8.29 14.65 7.00
N LEU A 402 7.49 14.63 8.06
CA LEU A 402 6.11 15.05 7.93
C LEU A 402 6.01 16.53 7.64
N LEU A 403 6.60 17.37 8.49
CA LEU A 403 6.49 18.81 8.31
C LEU A 403 6.80 19.26 6.87
N LEU A 404 7.90 18.77 6.29
CA LEU A 404 8.32 19.08 4.92
C LEU A 404 7.37 18.49 3.87
N ALA A 405 6.82 17.29 4.14
CA ALA A 405 5.77 16.67 3.33
C ALA A 405 4.49 17.50 3.25
N GLY A 406 4.05 18.04 4.40
CA GLY A 406 2.86 18.86 4.52
C GLY A 406 3.06 20.23 3.84
N ILE A 407 4.22 20.87 4.03
CA ILE A 407 4.61 22.14 3.40
C ILE A 407 4.66 22.06 1.86
N CYS A 408 5.24 20.98 1.33
CA CYS A 408 5.33 20.67 -0.10
C CYS A 408 3.94 20.50 -0.76
N ILE A 409 2.99 19.88 -0.04
CA ILE A 409 1.66 19.58 -0.51
C ILE A 409 0.69 20.78 -0.38
N LEU A 410 0.91 21.66 0.63
CA LEU A 410 0.26 22.97 0.74
C LEU A 410 0.63 23.90 -0.43
N LEU A 411 1.94 23.93 -0.77
CA LEU A 411 2.49 24.66 -1.91
C LEU A 411 1.97 24.16 -3.27
N ASN A 412 1.53 22.92 -3.36
CA ASN A 412 0.94 22.43 -4.61
C ASN A 412 -0.43 23.08 -4.83
N GLY A 413 -1.20 23.26 -3.75
CA GLY A 413 -2.52 23.89 -3.85
C GLY A 413 -2.42 25.41 -4.06
N VAL A 414 -1.31 26.05 -3.65
CA VAL A 414 -1.09 27.50 -3.75
C VAL A 414 -0.55 27.92 -5.13
N ILE A 415 0.49 27.21 -5.62
CA ILE A 415 1.22 27.53 -6.86
C ILE A 415 0.36 27.17 -8.10
N PRO A 416 0.25 28.09 -9.10
CA PRO A 416 -0.58 27.88 -10.30
C PRO A 416 -0.07 26.75 -11.22
N GLN A 417 -1.04 26.10 -11.89
CA GLN A 417 -0.87 24.98 -12.83
C GLN A 417 0.17 25.19 -13.95
N ASP A 418 0.36 26.46 -14.37
CA ASP A 418 1.32 26.91 -15.39
C ASP A 418 2.79 26.59 -15.04
N GLN A 419 3.10 26.56 -13.73
CA GLN A 419 4.41 26.18 -13.17
C GLN A 419 4.45 24.66 -12.94
N SER A 420 4.37 23.89 -14.05
CA SER A 420 4.36 22.44 -14.10
C SER A 420 5.58 21.79 -13.42
N ILE A 421 6.79 22.28 -13.75
CA ILE A 421 8.07 21.79 -13.21
C ILE A 421 8.24 22.06 -11.70
N VAL A 422 7.68 23.18 -11.19
CA VAL A 422 7.75 23.57 -9.79
C VAL A 422 6.85 22.68 -8.91
N ARG A 423 5.62 22.41 -9.37
CA ARG A 423 4.66 21.53 -8.71
C ARG A 423 5.04 20.04 -8.81
N THR A 424 5.73 19.64 -9.90
CA THR A 424 6.33 18.32 -10.04
C THR A 424 7.48 18.12 -9.03
N SER A 425 8.38 19.11 -8.90
CA SER A 425 9.53 19.09 -7.99
C SER A 425 9.14 19.03 -6.51
N LEU A 426 8.14 19.84 -6.11
CA LEU A 426 7.61 19.88 -4.75
C LEU A 426 6.84 18.61 -4.38
N ALA A 427 5.98 18.10 -5.28
CA ALA A 427 5.25 16.85 -5.09
C ALA A 427 6.17 15.62 -4.94
N VAL A 428 7.23 15.55 -5.76
CA VAL A 428 8.25 14.51 -5.71
C VAL A 428 9.10 14.52 -4.43
N LEU A 429 9.43 15.73 -3.93
CA LEU A 429 10.08 15.94 -2.64
C LEU A 429 9.18 15.52 -1.47
N GLY A 430 7.90 15.92 -1.50
CA GLY A 430 6.90 15.64 -0.46
C GLY A 430 6.52 14.15 -0.40
N LYS A 431 6.50 13.46 -1.56
CA LYS A 431 6.21 12.02 -1.68
C LYS A 431 7.38 11.17 -1.14
N GLY A 432 8.62 11.61 -1.37
CA GLY A 432 9.83 11.00 -0.82
C GLY A 432 9.92 11.21 0.70
N CYS A 433 9.45 12.37 1.20
CA CYS A 433 9.33 12.67 2.63
C CYS A 433 8.27 11.80 3.34
N LEU A 434 7.24 11.34 2.61
CA LEU A 434 6.21 10.43 3.10
C LEU A 434 6.64 8.96 3.07
N ALA A 435 7.54 8.59 2.13
CA ALA A 435 8.23 7.29 2.12
C ALA A 435 9.25 7.19 3.26
N ALA A 436 9.96 8.30 3.55
CA ALA A 436 10.85 8.45 4.70
C ALA A 436 10.11 8.42 6.05
N SER A 437 8.86 8.94 6.08
CA SER A 437 7.96 8.85 7.24
C SER A 437 7.49 7.41 7.50
N PHE A 438 7.18 6.64 6.45
CA PHE A 438 6.71 5.27 6.61
C PHE A 438 7.77 4.43 7.29
N ASN A 439 9.00 4.50 6.78
CA ASN A 439 10.08 3.75 7.38
C ASN A 439 10.31 4.21 8.80
N CYS A 440 10.25 5.51 9.01
CA CYS A 440 10.52 6.04 10.33
C CYS A 440 9.49 5.59 11.35
N ILE A 441 8.22 5.60 10.98
CA ILE A 441 7.19 5.26 11.97
C ILE A 441 7.22 3.77 12.26
N PHE A 442 7.54 2.94 11.27
CA PHE A 442 7.61 1.50 11.45
C PHE A 442 8.71 1.06 12.43
N LEU A 443 9.84 1.77 12.43
CA LEU A 443 10.94 1.60 13.37
C LEU A 443 10.59 2.19 14.75
N TYR A 444 10.16 3.46 14.76
CA TYR A 444 9.91 4.28 15.94
C TYR A 444 8.75 3.79 16.82
N THR A 445 7.67 3.24 16.22
CA THR A 445 6.49 2.74 16.94
C THR A 445 6.79 1.49 17.80
N GLY A 446 7.67 0.60 17.31
CA GLY A 446 8.07 -0.61 18.02
C GLY A 446 9.00 -0.28 19.20
N GLU A 447 9.83 0.76 19.07
CA GLU A 447 10.70 1.27 20.12
C GLU A 447 9.95 2.01 21.25
N LEU A 448 8.80 2.63 20.90
CA LEU A 448 7.91 3.32 21.82
C LEU A 448 7.08 2.35 22.68
N TYR A 449 6.53 1.28 22.07
CA TYR A 449 5.72 0.27 22.79
C TYR A 449 6.60 -0.77 23.50
N PRO A 450 6.22 -1.18 24.73
CA PRO A 450 6.86 -2.31 25.43
C PRO A 450 6.51 -3.66 24.80
N THR A 451 7.39 -4.65 25.00
CA THR A 451 7.37 -6.01 24.44
C THR A 451 6.01 -6.74 24.48
N MET A 452 5.25 -6.54 25.58
CA MET A 452 3.92 -7.12 25.81
C MET A 452 2.80 -6.61 24.90
N ILE A 453 2.98 -5.45 24.25
CA ILE A 453 1.98 -4.80 23.39
C ILE A 453 2.61 -4.24 22.09
N ARG A 454 3.85 -4.60 21.82
CA ARG A 454 4.55 -4.10 20.62
C ARG A 454 3.87 -4.57 19.34
N GLN A 455 3.75 -5.87 19.15
CA GLN A 455 3.18 -6.47 17.94
C GLN A 455 1.72 -6.06 17.74
N THR A 456 0.96 -5.96 18.85
CA THR A 456 -0.44 -5.54 18.88
C THR A 456 -0.62 -4.06 18.51
N GLY A 457 0.24 -3.18 19.07
CA GLY A 457 0.20 -1.74 18.87
C GLY A 457 0.76 -1.33 17.50
N MET A 458 1.72 -2.09 16.94
CA MET A 458 2.24 -1.92 15.59
C MET A 458 1.23 -2.40 14.52
N GLY A 459 0.44 -3.43 14.84
CA GLY A 459 -0.65 -3.94 14.01
C GLY A 459 -1.83 -2.97 14.00
N MET A 460 -2.12 -2.31 15.14
CA MET A 460 -3.09 -1.22 15.27
C MET A 460 -2.62 0.08 14.60
N GLY A 461 -1.29 0.27 14.49
CA GLY A 461 -0.68 1.39 13.77
C GLY A 461 -0.83 1.19 12.26
N SER A 462 -0.61 -0.04 11.77
CA SER A 462 -0.84 -0.44 10.38
C SER A 462 -2.32 -0.39 9.99
N THR A 463 -3.24 -0.65 10.94
CA THR A 463 -4.69 -0.49 10.78
C THR A 463 -5.12 0.97 10.55
N MET A 464 -4.46 1.93 11.25
CA MET A 464 -4.67 3.37 11.06
C MET A 464 -4.14 3.92 9.73
N ALA A 465 -3.12 3.30 9.17
CA ALA A 465 -2.63 3.74 7.89
C ALA A 465 -3.67 3.42 6.84
N ARG A 466 -4.23 2.21 6.90
CA ARG A 466 -5.22 1.81 5.93
C ARG A 466 -6.43 2.72 6.03
N VAL A 467 -6.90 2.98 7.24
CA VAL A 467 -8.00 3.92 7.39
C VAL A 467 -7.64 5.17 6.64
N GLY A 468 -6.36 5.53 6.68
CA GLY A 468 -5.88 6.72 5.97
C GLY A 468 -6.01 6.57 4.45
N SER A 469 -5.84 5.35 3.94
CA SER A 469 -5.99 4.99 2.52
C SER A 469 -7.46 4.94 2.04
N ILE A 470 -8.42 4.72 2.95
CA ILE A 470 -9.87 4.75 2.67
C ILE A 470 -10.40 6.19 2.60
N VAL A 471 -9.94 7.04 3.53
CA VAL A 471 -10.39 8.43 3.69
C VAL A 471 -9.75 9.38 2.66
N SER A 472 -8.59 9.01 2.08
CA SER A 472 -7.87 9.80 1.09
C SER A 472 -8.63 10.05 -0.24
N PRO A 473 -9.16 9.01 -0.93
CA PRO A 473 -10.06 9.20 -2.09
C PRO A 473 -11.38 9.94 -1.80
N LEU A 474 -11.89 9.83 -0.56
CA LEU A 474 -13.09 10.55 -0.10
C LEU A 474 -12.84 12.05 0.08
N VAL A 475 -11.59 12.46 0.31
CA VAL A 475 -11.13 13.86 0.33
C VAL A 475 -10.77 14.38 -1.07
N SER A 476 -10.46 13.49 -2.04
CA SER A 476 -10.26 13.84 -3.45
C SER A 476 -11.58 14.28 -4.14
N MET A 477 -12.74 13.84 -3.59
CA MET A 477 -14.08 14.24 -3.98
C MET A 477 -14.46 15.67 -3.54
N THR A 478 -13.64 16.33 -2.71
CA THR A 478 -13.78 17.76 -2.38
C THR A 478 -13.19 18.70 -3.46
N ALA A 479 -12.64 18.15 -4.55
CA ALA A 479 -12.25 18.87 -5.77
C ALA A 479 -13.46 19.51 -6.49
N GLU A 480 -14.64 18.88 -6.37
CA GLU A 480 -15.93 19.39 -6.85
C GLU A 480 -16.43 20.63 -6.09
N LEU A 481 -16.02 20.79 -4.82
CA LEU A 481 -16.30 21.97 -4.01
C LEU A 481 -15.34 23.12 -4.38
N TYR A 482 -14.04 22.82 -4.34
CA TYR A 482 -12.92 23.74 -4.57
C TYR A 482 -11.74 22.86 -5.07
N PRO A 483 -11.25 23.06 -6.32
CA PRO A 483 -10.17 22.24 -6.92
C PRO A 483 -8.88 22.00 -6.10
N SER A 484 -8.46 22.99 -5.28
CA SER A 484 -7.26 22.91 -4.45
C SER A 484 -7.53 22.45 -3.00
N MET A 485 -8.80 22.28 -2.60
CA MET A 485 -9.18 21.82 -1.25
C MET A 485 -8.69 20.41 -0.84
N PRO A 486 -8.53 19.43 -1.77
CA PRO A 486 -7.89 18.19 -1.29
C PRO A 486 -6.43 18.51 -0.92
N LEU A 487 -5.64 19.13 -1.81
CA LEU A 487 -4.24 19.49 -1.56
C LEU A 487 -4.03 20.34 -0.29
N PHE A 488 -5.02 21.14 0.12
CA PHE A 488 -4.98 21.90 1.36
C PHE A 488 -5.20 21.03 2.61
N ILE A 489 -6.02 19.97 2.49
CA ILE A 489 -6.29 19.02 3.57
C ILE A 489 -5.15 17.96 3.69
N TYR A 490 -4.65 17.45 2.54
CA TYR A 490 -3.47 16.58 2.47
C TYR A 490 -2.16 17.27 2.93
N GLY A 491 -2.15 18.62 2.91
CA GLY A 491 -0.98 19.41 3.29
C GLY A 491 -1.08 19.86 4.76
N ALA A 492 -2.29 20.06 5.29
CA ALA A 492 -2.53 20.48 6.67
C ALA A 492 -2.39 19.32 7.68
N VAL A 493 -2.79 18.10 7.29
CA VAL A 493 -2.80 16.92 8.16
C VAL A 493 -1.40 16.38 8.56
N PRO A 494 -0.39 16.36 7.65
CA PRO A 494 1.01 16.11 8.03
C PRO A 494 1.67 17.21 8.89
N VAL A 495 1.29 18.49 8.70
CA VAL A 495 1.76 19.59 9.55
C VAL A 495 1.21 19.48 10.99
N ALA A 496 -0.06 19.08 11.13
CA ALA A 496 -0.70 18.79 12.42
C ALA A 496 -0.09 17.56 13.11
N ALA A 497 0.26 16.53 12.34
CA ALA A 497 0.90 15.29 12.81
C ALA A 497 2.38 15.48 13.21
N SER A 498 3.09 16.46 12.61
CA SER A 498 4.47 16.79 12.98
C SER A 498 4.61 17.37 14.40
N ALA A 499 3.56 18.06 14.88
CA ALA A 499 3.45 18.56 16.25
C ALA A 499 3.11 17.46 17.28
N VAL A 500 2.49 16.36 16.81
CA VAL A 500 2.14 15.19 17.64
C VAL A 500 3.36 14.28 17.92
N THR A 501 4.42 14.36 17.08
CA THR A 501 5.69 13.69 17.32
C THR A 501 6.45 14.24 18.55
N VAL A 502 6.23 15.54 18.88
CA VAL A 502 6.79 16.25 20.03
C VAL A 502 6.25 15.69 21.36
N LEU A 503 4.98 15.26 21.36
CA LEU A 503 4.27 14.66 22.50
C LEU A 503 4.78 13.25 22.87
N LEU A 504 5.55 12.61 21.97
CA LEU A 504 6.21 11.32 22.18
C LEU A 504 7.68 11.55 22.59
N PRO A 505 8.26 10.64 23.40
CA PRO A 505 9.68 10.73 23.79
C PRO A 505 10.63 10.31 22.65
N GLU A 506 11.88 10.77 22.76
CA GLU A 506 13.01 10.26 21.97
C GLU A 506 13.33 8.80 22.35
N THR A 507 13.85 8.03 21.39
CA THR A 507 14.22 6.62 21.55
C THR A 507 15.58 6.27 20.90
N LEU A 508 16.34 7.29 20.45
CA LEU A 508 17.72 7.15 19.94
C LEU A 508 18.67 6.71 21.05
N GLY A 509 19.29 5.53 20.88
CA GLY A 509 20.29 4.95 21.79
C GLY A 509 19.70 4.40 23.10
N GLN A 510 18.37 4.48 23.31
CA GLN A 510 17.67 4.02 24.50
C GLN A 510 17.24 2.55 24.31
N PRO A 511 17.43 1.70 25.36
CA PRO A 511 17.09 0.26 25.29
C PRO A 511 15.57 0.01 25.19
N LEU A 512 15.21 -1.07 24.48
CA LEU A 512 13.84 -1.52 24.24
C LEU A 512 13.09 -1.85 25.56
N PRO A 513 11.95 -1.17 25.83
CA PRO A 513 11.16 -1.41 27.06
C PRO A 513 10.44 -2.78 27.02
N ASP A 514 10.29 -3.40 28.19
CA ASP A 514 9.59 -4.68 28.37
C ASP A 514 8.24 -4.50 29.10
N THR A 515 8.11 -3.44 29.91
CA THR A 515 6.92 -3.15 30.71
C THR A 515 6.45 -1.70 30.51
N VAL A 516 5.20 -1.43 30.92
CA VAL A 516 4.56 -0.11 30.88
C VAL A 516 5.22 0.90 31.85
N GLN A 517 5.87 0.38 32.90
CA GLN A 517 6.57 1.22 33.85
C GLN A 517 7.78 1.83 33.16
N ASP A 518 8.43 1.02 32.32
CA ASP A 518 9.63 1.49 31.64
C ASP A 518 9.49 2.90 31.10
N LEU A 519 10.60 3.63 31.05
CA LEU A 519 10.61 5.02 30.53
C LEU A 519 10.17 6.00 31.61
#